data_7BNY
#
_entry.id   7BNY
#
_cell.length_a   91.560
_cell.length_b   91.560
_cell.length_c   316.390
_cell.angle_alpha   90.000
_cell.angle_beta   90.000
_cell.angle_gamma   120.000
#
_symmetry.space_group_name_H-M   'P 62 2 2'
#
loop_
_entity.id
_entity.type
_entity.pdbx_description
1 polymer 'Genome polyprotein'
2 non-polymer 'SULFATE ION'
3 water water
#
_entity_poly.entity_id   1
_entity_poly.type   'polypeptide(L)'
_entity_poly.pdbx_seq_one_letter_code
;SPNPLDVSKTYPTLHILLQFNHRGLEARIFRHGQLWAETHAEVVLRSKTKQISFLSNGSYPSMDATTPLNPWKSTYQAVL
RAEPHRVTMDVYHKRIRPFRLPLVQKEWRTCEENVFGLYHVFETHYAGYFSDLLIHDVETNPGGSKHHHHHH
;
_entity_poly.pdbx_strand_id   A,B,C,D
#
loop_
_chem_comp.id
_chem_comp.type
_chem_comp.name
_chem_comp.formula
SO4 non-polymer 'SULFATE ION' 'O4 S -2'
#
# COMPACT_ATOMS: atom_id res chain seq x y z
N THR A 10 6.41 -12.99 16.92
CA THR A 10 5.58 -14.08 16.41
C THR A 10 5.12 -13.82 14.98
N TYR A 11 4.71 -14.90 14.32
CA TYR A 11 4.04 -14.85 13.03
C TYR A 11 2.88 -15.81 13.17
N PRO A 12 1.64 -15.34 13.15
CA PRO A 12 0.53 -16.29 13.16
C PRO A 12 0.43 -16.97 11.81
N THR A 13 0.18 -18.27 11.83
CA THR A 13 0.04 -19.03 10.60
C THR A 13 -1.11 -20.02 10.74
N LEU A 14 -1.88 -20.17 9.67
CA LEU A 14 -2.88 -21.22 9.58
C LEU A 14 -2.69 -21.98 8.26
N HIS A 15 -2.77 -23.30 8.36
CA HIS A 15 -2.85 -24.17 7.19
C HIS A 15 -4.26 -24.73 7.14
N ILE A 16 -4.93 -24.54 6.01
CA ILE A 16 -6.33 -24.93 5.86
C ILE A 16 -6.40 -25.92 4.71
N LEU A 17 -6.65 -27.18 5.03
CA LEU A 17 -6.93 -28.20 4.02
C LEU A 17 -8.37 -28.06 3.56
N LEU A 18 -8.56 -27.86 2.26
CA LEU A 18 -9.87 -27.65 1.64
C LEU A 18 -10.16 -28.83 0.73
N GLN A 19 -11.29 -29.50 0.96
CA GLN A 19 -11.74 -30.58 0.10
C GLN A 19 -13.09 -30.22 -0.51
N PHE A 20 -13.13 -30.09 -1.84
CA PHE A 20 -14.39 -30.06 -2.58
C PHE A 20 -14.88 -31.47 -2.82
N ASN A 21 -16.17 -31.71 -2.56
CA ASN A 21 -16.81 -32.97 -2.90
C ASN A 21 -18.28 -32.72 -3.20
N HIS A 22 -19.01 -33.80 -3.54
CA HIS A 22 -20.41 -33.65 -3.90
C HIS A 22 -21.28 -33.16 -2.75
N ARG A 23 -20.80 -33.28 -1.51
CA ARG A 23 -21.53 -32.79 -0.35
C ARG A 23 -21.25 -31.32 -0.05
N GLY A 24 -20.24 -30.74 -0.67
CA GLY A 24 -19.87 -29.35 -0.41
C GLY A 24 -18.38 -29.16 -0.24
N LEU A 25 -17.99 -28.16 0.54
CA LEU A 25 -16.59 -27.80 0.72
C LEU A 25 -16.21 -27.93 2.20
N GLU A 26 -15.24 -28.77 2.49
CA GLU A 26 -14.79 -29.03 3.85
C GLU A 26 -13.48 -28.31 4.11
N ALA A 27 -13.44 -27.52 5.18
CA ALA A 27 -12.23 -26.84 5.62
C ALA A 27 -11.76 -27.44 6.94
N ARG A 28 -10.52 -27.90 6.96
CA ARG A 28 -9.86 -28.37 8.17
C ARG A 28 -8.68 -27.46 8.45
N ILE A 29 -8.65 -26.86 9.64
CA ILE A 29 -7.74 -25.75 9.93
C ILE A 29 -6.69 -26.28 10.90
N PHE A 30 -5.43 -26.21 10.48
CA PHE A 30 -4.30 -26.71 11.23
C PHE A 30 -3.45 -25.58 11.80
N ARG A 31 -2.87 -25.87 12.97
CA ARG A 31 -2.13 -24.91 13.78
C ARG A 31 -0.98 -25.70 14.39
N HIS A 32 0.25 -25.42 13.95
CA HIS A 32 1.44 -26.18 14.32
C HIS A 32 1.26 -27.68 14.07
N GLY A 33 0.59 -28.02 12.97
CA GLY A 33 0.32 -29.40 12.63
C GLY A 33 -0.77 -30.09 13.42
N GLN A 34 -1.48 -29.38 14.29
CA GLN A 34 -2.57 -29.94 15.06
C GLN A 34 -3.89 -29.48 14.46
N LEU A 35 -4.83 -30.41 14.28
CA LEU A 35 -6.16 -30.01 13.84
C LEU A 35 -6.84 -29.16 14.89
N TRP A 36 -6.98 -27.87 14.61
CA TRP A 36 -7.56 -26.92 15.54
C TRP A 36 -9.05 -26.67 15.32
N ALA A 37 -9.51 -26.61 14.08
CA ALA A 37 -10.90 -26.27 13.82
C ALA A 37 -11.38 -26.90 12.52
N GLU A 38 -12.71 -27.00 12.40
CA GLU A 38 -13.38 -27.47 11.20
C GLU A 38 -14.51 -26.52 10.86
N THR A 39 -14.83 -26.42 9.57
CA THR A 39 -16.05 -25.77 9.11
C THR A 39 -16.41 -26.34 7.75
N HIS A 40 -17.65 -26.08 7.33
CA HIS A 40 -18.16 -26.59 6.07
C HIS A 40 -18.87 -25.46 5.31
N ALA A 41 -18.85 -25.54 3.98
CA ALA A 41 -19.61 -24.62 3.13
C ALA A 41 -20.39 -25.38 2.08
N GLU A 42 -21.57 -24.84 1.73
CA GLU A 42 -22.43 -25.40 0.69
C GLU A 42 -21.94 -25.04 -0.72
N VAL A 43 -20.69 -25.37 -0.99
CA VAL A 43 -20.03 -25.03 -2.25
C VAL A 43 -19.77 -26.34 -2.99
N VAL A 44 -20.59 -26.62 -4.01
CA VAL A 44 -20.52 -27.87 -4.77
C VAL A 44 -20.03 -27.53 -6.17
N LEU A 45 -18.77 -27.88 -6.47
CA LEU A 45 -18.14 -27.53 -7.73
C LEU A 45 -17.18 -28.65 -8.12
N ARG A 46 -17.45 -29.30 -9.25
CA ARG A 46 -16.69 -30.47 -9.67
C ARG A 46 -15.41 -30.13 -10.44
N SER A 47 -15.48 -29.18 -11.37
CA SER A 47 -14.34 -28.88 -12.23
C SER A 47 -13.28 -28.05 -11.52
N LYS A 48 -12.01 -28.31 -11.87
CA LYS A 48 -10.90 -27.53 -11.34
C LYS A 48 -11.05 -26.04 -11.66
N THR A 49 -11.52 -25.72 -12.87
CA THR A 49 -11.70 -24.32 -13.26
C THR A 49 -12.68 -23.59 -12.33
N LYS A 50 -13.82 -24.21 -12.05
CA LYS A 50 -14.81 -23.56 -11.18
C LYS A 50 -14.32 -23.50 -9.74
N GLN A 51 -13.66 -24.56 -9.27
CA GLN A 51 -13.08 -24.56 -7.94
C GLN A 51 -12.08 -23.44 -7.76
N ILE A 52 -11.12 -23.31 -8.68
CA ILE A 52 -10.11 -22.27 -8.56
C ILE A 52 -10.73 -20.88 -8.75
N SER A 53 -11.74 -20.76 -9.60
CA SER A 53 -12.45 -19.49 -9.71
C SER A 53 -13.11 -19.10 -8.40
N PHE A 54 -13.77 -20.05 -7.74
CA PHE A 54 -14.31 -19.79 -6.41
C PHE A 54 -13.22 -19.39 -5.43
N LEU A 55 -12.12 -20.15 -5.40
CA LEU A 55 -11.03 -19.86 -4.49
C LEU A 55 -10.45 -18.46 -4.71
N SER A 56 -10.36 -18.03 -5.96
CA SER A 56 -9.82 -16.69 -6.23
C SER A 56 -10.84 -15.60 -5.91
N ASN A 57 -12.10 -15.76 -6.31
CA ASN A 57 -13.04 -14.67 -6.19
C ASN A 57 -13.75 -14.60 -4.85
N GLY A 58 -13.76 -15.69 -4.09
CA GLY A 58 -14.50 -15.75 -2.86
C GLY A 58 -15.96 -16.14 -3.01
N SER A 59 -16.40 -16.43 -4.23
CA SER A 59 -17.79 -16.78 -4.50
C SER A 59 -17.84 -17.47 -5.86
N TYR A 60 -18.96 -18.15 -6.10
CA TYR A 60 -19.26 -18.63 -7.44
C TYR A 60 -20.77 -18.56 -7.68
N PRO A 61 -21.18 -18.18 -8.90
CA PRO A 61 -22.60 -17.81 -9.08
C PRO A 61 -23.55 -19.01 -9.07
N SER A 62 -23.18 -20.11 -9.72
CA SER A 62 -24.07 -21.27 -9.85
C SER A 62 -23.33 -22.52 -9.41
N MET A 63 -23.88 -23.22 -8.42
CA MET A 63 -23.31 -24.47 -7.95
C MET A 63 -23.76 -25.65 -8.80
N ASP A 64 -22.93 -26.70 -8.82
CA ASP A 64 -23.30 -27.97 -9.43
C ASP A 64 -24.27 -28.74 -8.55
N ALA A 65 -24.86 -29.78 -9.14
CA ALA A 65 -25.75 -30.69 -8.42
C ALA A 65 -24.95 -31.68 -7.56
N THR A 66 -25.47 -31.95 -6.36
CA THR A 66 -24.99 -33.05 -5.54
C THR A 66 -25.40 -34.38 -6.17
N THR A 67 -24.42 -35.25 -6.43
CA THR A 67 -24.64 -36.50 -7.14
C THR A 67 -23.93 -37.64 -6.41
N PRO A 68 -24.58 -38.26 -5.43
CA PRO A 68 -23.92 -39.32 -4.65
C PRO A 68 -23.48 -40.53 -5.46
N LEU A 69 -24.08 -40.77 -6.63
CA LEU A 69 -23.65 -41.87 -7.48
C LEU A 69 -22.47 -41.50 -8.37
N ASN A 70 -22.19 -40.21 -8.54
CA ASN A 70 -21.01 -39.73 -9.26
C ASN A 70 -20.23 -38.79 -8.35
N PRO A 71 -19.64 -39.31 -7.27
CA PRO A 71 -18.94 -38.44 -6.32
C PRO A 71 -17.59 -37.98 -6.86
N TRP A 72 -17.01 -37.02 -6.16
CA TRP A 72 -15.66 -36.57 -6.44
C TRP A 72 -14.97 -36.10 -5.17
N LYS A 73 -13.65 -35.92 -5.28
CA LYS A 73 -12.82 -35.42 -4.18
C LYS A 73 -11.69 -34.59 -4.79
N SER A 74 -11.67 -33.29 -4.50
CA SER A 74 -10.63 -32.39 -5.00
C SER A 74 -10.09 -31.57 -3.84
N THR A 75 -8.77 -31.60 -3.67
CA THR A 75 -8.13 -31.09 -2.45
C THR A 75 -7.20 -29.92 -2.77
N TYR A 76 -7.23 -28.91 -1.91
CA TYR A 76 -6.35 -27.76 -1.98
C TYR A 76 -5.86 -27.44 -0.56
N GLN A 77 -4.76 -26.69 -0.48
CA GLN A 77 -4.28 -26.16 0.80
C GLN A 77 -4.12 -24.65 0.71
N ALA A 78 -4.82 -23.93 1.59
CA ALA A 78 -4.58 -22.51 1.82
C ALA A 78 -3.58 -22.32 2.95
N VAL A 79 -2.59 -21.47 2.73
CA VAL A 79 -1.63 -21.08 3.75
C VAL A 79 -1.78 -19.59 4.03
N LEU A 80 -2.16 -19.24 5.26
CA LEU A 80 -2.30 -17.86 5.69
C LEU A 80 -1.15 -17.49 6.61
N ARG A 81 -0.51 -16.35 6.34
CA ARG A 81 0.54 -15.84 7.21
C ARG A 81 0.24 -14.39 7.58
N ALA A 82 0.39 -14.08 8.87
CA ALA A 82 0.25 -12.72 9.38
C ALA A 82 1.64 -12.11 9.55
N GLU A 83 2.16 -11.57 8.46
CA GLU A 83 3.44 -10.89 8.48
C GLU A 83 3.29 -9.55 9.20
N PRO A 84 4.40 -8.86 9.52
CA PRO A 84 4.31 -7.69 10.41
C PRO A 84 3.39 -6.58 9.93
N HIS A 85 3.26 -6.38 8.61
CA HIS A 85 2.44 -5.28 8.11
C HIS A 85 1.47 -5.72 7.01
N ARG A 86 1.33 -7.02 6.76
CA ARG A 86 0.39 -7.50 5.78
C ARG A 86 -0.06 -8.91 6.18
N VAL A 87 -1.20 -9.32 5.62
CA VAL A 87 -1.62 -10.71 5.61
C VAL A 87 -1.52 -11.23 4.18
N THR A 88 -1.03 -12.45 4.04
CA THR A 88 -1.02 -13.14 2.75
C THR A 88 -1.80 -14.45 2.86
N MET A 89 -2.45 -14.82 1.77
CA MET A 89 -2.98 -16.17 1.59
C MET A 89 -2.49 -16.72 0.26
N ASP A 90 -1.84 -17.88 0.31
CA ASP A 90 -1.44 -18.62 -0.88
C ASP A 90 -2.17 -19.94 -0.86
N VAL A 91 -2.79 -20.30 -1.99
CA VAL A 91 -3.57 -21.52 -2.11
C VAL A 91 -2.87 -22.45 -3.09
N TYR A 92 -2.62 -23.68 -2.64
CA TYR A 92 -1.87 -24.67 -3.42
C TYR A 92 -2.77 -25.83 -3.79
N HIS A 93 -2.56 -26.35 -4.99
CA HIS A 93 -3.15 -27.63 -5.38
C HIS A 93 -2.60 -28.75 -4.51
N LYS A 94 -3.52 -29.48 -3.85
CA LYS A 94 -3.20 -30.56 -2.92
C LYS A 94 -2.53 -30.05 -1.65
N ARG A 95 -1.28 -29.60 -1.76
CA ARG A 95 -0.53 -29.15 -0.57
C ARG A 95 0.65 -28.30 -1.02
N ILE A 96 1.14 -27.47 -0.11
CA ILE A 96 2.35 -26.68 -0.37
C ILE A 96 3.55 -27.62 -0.46
N ARG A 97 4.23 -27.57 -1.60
CA ARG A 97 5.43 -28.37 -1.85
C ARG A 97 6.45 -27.47 -2.54
N PRO A 98 7.70 -27.90 -2.71
CA PRO A 98 8.71 -26.97 -3.22
C PRO A 98 8.76 -26.96 -4.73
N PHE A 99 8.29 -28.05 -5.35
CA PHE A 99 8.22 -28.14 -6.81
C PHE A 99 7.02 -27.42 -7.42
N ARG A 100 6.01 -27.03 -6.64
CA ARG A 100 4.81 -26.42 -7.18
C ARG A 100 4.61 -25.01 -6.62
N LEU A 101 3.95 -24.17 -7.42
CA LEU A 101 3.64 -22.79 -7.09
C LEU A 101 2.16 -22.62 -6.77
N PRO A 102 1.79 -21.58 -6.00
CA PRO A 102 0.38 -21.39 -5.66
C PRO A 102 -0.51 -21.11 -6.86
N LEU A 103 -1.72 -21.66 -6.80
CA LEU A 103 -2.76 -21.38 -7.79
C LEU A 103 -3.40 -20.01 -7.59
N VAL A 104 -3.59 -19.61 -6.33
CA VAL A 104 -4.22 -18.34 -6.00
C VAL A 104 -3.34 -17.59 -5.02
N GLN A 105 -3.16 -16.30 -5.26
CA GLN A 105 -2.39 -15.42 -4.41
C GLN A 105 -3.28 -14.25 -4.02
N LYS A 106 -3.36 -13.99 -2.71
CA LYS A 106 -4.11 -12.85 -2.19
C LYS A 106 -3.30 -12.20 -1.08
N GLU A 107 -3.54 -10.90 -0.90
CA GLU A 107 -2.73 -10.09 0.01
C GLU A 107 -3.60 -8.94 0.50
N TRP A 108 -3.42 -8.59 1.78
CA TRP A 108 -4.18 -7.51 2.39
C TRP A 108 -3.25 -6.65 3.22
N ARG A 109 -3.39 -5.33 3.11
CA ARG A 109 -2.58 -4.39 3.89
C ARG A 109 -3.24 -4.21 5.25
N THR A 110 -3.02 -5.20 6.12
CA THR A 110 -3.58 -5.19 7.46
C THR A 110 -2.66 -5.97 8.38
N CYS A 111 -2.74 -5.64 9.66
CA CYS A 111 -2.00 -6.33 10.70
C CYS A 111 -2.98 -7.20 11.48
N GLU A 112 -2.63 -8.47 11.69
CA GLU A 112 -3.43 -9.36 12.52
C GLU A 112 -2.61 -9.84 13.72
N GLU A 113 -3.24 -9.81 14.89
CA GLU A 113 -2.59 -10.16 16.16
C GLU A 113 -2.47 -11.66 16.37
N ASN A 114 -3.42 -12.45 15.88
CA ASN A 114 -3.52 -13.85 16.28
C ASN A 114 -4.26 -14.64 15.21
N VAL A 115 -4.28 -15.97 15.42
CA VAL A 115 -4.95 -16.90 14.52
C VAL A 115 -6.44 -16.60 14.35
N PHE A 116 -7.10 -16.08 15.39
CA PHE A 116 -8.53 -15.76 15.26
C PHE A 116 -8.76 -14.61 14.28
N GLY A 117 -7.91 -13.59 14.34
CA GLY A 117 -7.98 -12.54 13.34
C GLY A 117 -7.58 -13.02 11.96
N LEU A 118 -6.58 -13.90 11.90
CA LEU A 118 -6.16 -14.48 10.63
C LEU A 118 -7.24 -15.36 10.02
N TYR A 119 -8.01 -16.07 10.84
CA TYR A 119 -9.18 -16.78 10.31
C TYR A 119 -10.27 -15.84 9.82
N HIS A 120 -10.48 -14.71 10.51
CA HIS A 120 -11.49 -13.76 10.07
C HIS A 120 -11.20 -13.22 8.67
N VAL A 121 -9.93 -13.02 8.34
CA VAL A 121 -9.57 -12.60 6.97
C VAL A 121 -9.99 -13.66 5.97
N PHE A 122 -9.61 -14.92 6.21
CA PHE A 122 -10.04 -16.03 5.37
C PHE A 122 -11.56 -16.06 5.23
N GLU A 123 -12.27 -16.02 6.35
CA GLU A 123 -13.73 -16.09 6.33
C GLU A 123 -14.36 -14.93 5.59
N THR A 124 -13.73 -13.74 5.63
CA THR A 124 -14.28 -12.59 4.95
C THR A 124 -14.04 -12.61 3.46
N HIS A 125 -12.93 -13.23 3.02
CA HIS A 125 -12.76 -13.45 1.58
C HIS A 125 -13.82 -14.39 1.04
N TYR A 126 -14.11 -15.47 1.78
CA TYR A 126 -15.20 -16.38 1.42
C TYR A 126 -16.49 -16.03 2.15
N ALA A 127 -16.84 -14.75 2.18
CA ALA A 127 -17.96 -14.26 2.98
C ALA A 127 -19.27 -14.97 2.64
N GLY A 128 -20.06 -15.27 3.68
CA GLY A 128 -21.35 -15.92 3.53
C GLY A 128 -21.35 -17.44 3.36
N TYR A 129 -20.20 -18.08 3.19
CA TYR A 129 -20.17 -19.50 2.86
C TYR A 129 -19.95 -20.43 4.05
N PHE A 130 -18.95 -20.17 4.90
CA PHE A 130 -18.58 -21.12 5.96
C PHE A 130 -19.36 -20.88 7.24
N SER A 131 -19.90 -21.97 7.80
CA SER A 131 -20.48 -21.98 9.13
C SER A 131 -19.44 -21.69 10.21
N ASP A 132 -19.93 -21.44 11.42
CA ASP A 132 -19.06 -21.13 12.55
C ASP A 132 -18.16 -22.31 12.92
N LEU A 133 -17.03 -21.98 13.54
CA LEU A 133 -15.96 -22.96 13.79
C LEU A 133 -16.32 -23.97 14.88
N LEU A 134 -16.09 -25.23 14.58
CA LEU A 134 -15.96 -26.29 15.59
C LEU A 134 -14.49 -26.38 15.94
N ILE A 135 -14.14 -26.13 17.21
CA ILE A 135 -12.74 -26.06 17.62
C ILE A 135 -12.37 -27.18 18.58
N HIS A 136 -11.12 -27.62 18.46
CA HIS A 136 -10.57 -28.78 19.14
C HIS A 136 -9.42 -28.36 20.06
N ASP A 137 -9.18 -29.17 21.09
CA ASP A 137 -8.07 -28.92 22.01
C ASP A 137 -6.72 -29.00 21.31
N VAL A 138 -5.85 -28.05 21.63
CA VAL A 138 -4.49 -27.99 21.10
C VAL A 138 -3.49 -28.04 22.25
N GLU A 139 -2.32 -28.60 21.97
CA GLU A 139 -1.18 -28.61 22.89
C GLU A 139 0.00 -27.99 22.14
N THR A 140 0.15 -26.67 22.25
CA THR A 140 1.06 -25.92 21.39
C THR A 140 2.50 -26.38 21.53
N ASN A 141 3.21 -26.37 20.39
CA ASN A 141 4.61 -26.77 20.29
C ASN A 141 4.87 -28.13 20.92
N PRO B 2 4.07 5.17 -26.57
CA PRO B 2 3.79 5.41 -27.99
C PRO B 2 4.18 4.25 -28.89
N ASN B 3 5.49 4.01 -29.06
CA ASN B 3 5.87 2.93 -29.97
C ASN B 3 5.79 1.58 -29.25
N PRO B 4 5.29 0.55 -29.94
CA PRO B 4 5.28 -0.80 -29.36
C PRO B 4 6.68 -1.26 -28.95
N LEU B 5 6.76 -1.89 -27.79
CA LEU B 5 8.00 -2.46 -27.25
C LEU B 5 9.11 -1.43 -27.11
N ASP B 6 8.76 -0.14 -27.06
CA ASP B 6 9.66 0.94 -26.69
C ASP B 6 9.00 1.80 -25.63
N VAL B 7 8.56 1.15 -24.55
CA VAL B 7 7.88 1.79 -23.43
C VAL B 7 8.79 1.79 -22.21
N SER B 8 9.13 2.99 -21.71
CA SER B 8 9.84 3.13 -20.45
C SER B 8 9.19 4.23 -19.64
N LYS B 9 8.94 3.97 -18.35
CA LYS B 9 8.20 4.90 -17.51
C LYS B 9 9.05 6.09 -17.10
N THR B 10 8.46 7.28 -17.19
CA THR B 10 8.98 8.49 -16.58
C THR B 10 8.02 8.95 -15.47
N TYR B 11 8.55 9.12 -14.25
CA TYR B 11 7.72 9.55 -13.12
C TYR B 11 7.86 11.05 -12.90
N PRO B 12 6.75 11.79 -12.88
CA PRO B 12 6.83 13.25 -12.73
C PRO B 12 7.25 13.68 -11.33
N THR B 13 7.86 14.86 -11.26
CA THR B 13 8.12 15.55 -10.00
C THR B 13 7.54 16.95 -10.07
N LEU B 14 6.87 17.38 -9.00
CA LEU B 14 6.30 18.71 -8.91
C LEU B 14 6.88 19.44 -7.71
N HIS B 15 7.44 20.64 -7.94
CA HIS B 15 7.81 21.56 -6.88
C HIS B 15 6.77 22.68 -6.79
N ILE B 16 6.18 22.85 -5.62
CA ILE B 16 5.30 23.98 -5.33
C ILE B 16 5.99 24.89 -4.33
N LEU B 17 6.19 26.15 -4.71
CA LEU B 17 6.79 27.15 -3.83
C LEU B 17 5.69 27.84 -3.03
N LEU B 18 5.84 27.87 -1.72
CA LEU B 18 4.80 28.29 -0.79
C LEU B 18 5.29 29.52 -0.03
N GLN B 19 4.39 30.48 0.19
CA GLN B 19 4.70 31.63 1.03
C GLN B 19 3.48 32.01 1.86
N PHE B 20 3.61 31.87 3.17
CA PHE B 20 2.68 32.50 4.11
C PHE B 20 3.01 33.98 4.23
N ASN B 21 1.98 34.83 4.19
CA ASN B 21 2.13 36.24 4.50
C ASN B 21 0.81 36.76 5.07
N HIS B 22 0.82 38.04 5.46
CA HIS B 22 -0.34 38.66 6.09
C HIS B 22 -1.58 38.65 5.20
N ARG B 23 -1.44 38.39 3.91
CA ARG B 23 -2.56 38.37 2.97
C ARG B 23 -3.10 36.96 2.75
N GLY B 24 -2.38 35.94 3.17
CA GLY B 24 -2.80 34.56 2.96
C GLY B 24 -1.64 33.65 2.58
N LEU B 25 -1.94 32.56 1.88
CA LEU B 25 -0.93 31.62 1.43
C LEU B 25 -0.87 31.62 -0.10
N GLU B 26 0.32 31.87 -0.63
CA GLU B 26 0.56 31.89 -2.07
C GLU B 26 1.30 30.63 -2.49
N ALA B 27 0.89 30.07 -3.63
CA ALA B 27 1.54 28.90 -4.21
C ALA B 27 1.93 29.21 -5.66
N ARG B 28 3.13 28.76 -6.04
CA ARG B 28 3.67 29.00 -7.37
C ARG B 28 4.27 27.72 -7.92
N ILE B 29 4.16 27.53 -9.23
CA ILE B 29 4.80 26.41 -9.93
C ILE B 29 5.52 26.95 -11.15
N PHE B 30 6.77 26.51 -11.33
CA PHE B 30 7.64 27.00 -12.40
C PHE B 30 8.02 25.87 -13.35
N ARG B 31 7.96 26.17 -14.65
CA ARG B 31 8.39 25.27 -15.70
C ARG B 31 9.12 26.09 -16.77
N HIS B 32 10.17 25.49 -17.35
CA HIS B 32 11.06 26.17 -18.31
C HIS B 32 11.45 27.58 -17.86
N GLY B 33 11.74 27.72 -16.56
CA GLY B 33 12.17 29.00 -16.04
C GLY B 33 11.10 30.07 -15.97
N GLN B 34 9.84 29.72 -16.17
CA GLN B 34 8.73 30.66 -16.19
C GLN B 34 7.70 30.22 -15.17
N LEU B 35 6.93 31.18 -14.67
CA LEU B 35 5.78 30.85 -13.83
C LEU B 35 4.75 30.13 -14.68
N TRP B 36 4.53 28.85 -14.38
CA TRP B 36 3.54 28.03 -15.09
C TRP B 36 2.15 28.13 -14.48
N ALA B 37 2.05 28.07 -13.15
CA ALA B 37 0.76 28.06 -12.48
C ALA B 37 0.88 28.74 -11.13
N GLU B 38 -0.21 29.36 -10.70
CA GLU B 38 -0.26 30.04 -9.42
C GLU B 38 -1.66 29.90 -8.83
N THR B 39 -1.73 29.91 -7.51
CA THR B 39 -3.00 29.88 -6.79
C THR B 39 -2.78 30.48 -5.40
N HIS B 40 -3.90 30.75 -4.73
CA HIS B 40 -3.90 31.46 -3.46
C HIS B 40 -4.87 30.78 -2.51
N ALA B 41 -4.59 30.91 -1.21
CA ALA B 41 -5.51 30.45 -0.18
C ALA B 41 -5.58 31.49 0.93
N GLU B 42 -6.76 31.59 1.54
N GLU B 42 -6.76 31.62 1.53
CA GLU B 42 -7.04 32.48 2.67
CA GLU B 42 -6.96 32.55 2.63
C GLU B 42 -6.53 31.89 3.99
C GLU B 42 -6.53 31.91 3.96
N VAL B 43 -5.22 31.63 4.03
CA VAL B 43 -4.61 31.03 5.22
C VAL B 43 -3.63 32.03 5.84
N VAL B 44 -4.12 32.84 6.79
CA VAL B 44 -3.28 33.78 7.53
C VAL B 44 -2.81 33.13 8.83
N LEU B 45 -1.54 32.71 8.86
CA LEU B 45 -0.95 32.06 10.03
C LEU B 45 0.47 32.58 10.21
N ARG B 46 0.68 33.41 11.24
CA ARG B 46 1.97 34.07 11.45
C ARG B 46 3.03 33.14 12.06
N SER B 47 2.64 32.25 12.96
CA SER B 47 3.63 31.42 13.66
C SER B 47 4.05 30.21 12.84
N LYS B 48 5.34 29.89 12.92
CA LYS B 48 5.87 28.67 12.31
C LYS B 48 5.14 27.41 12.78
N THR B 49 4.83 27.33 14.08
CA THR B 49 4.14 26.15 14.60
C THR B 49 2.74 25.98 14.01
N LYS B 50 2.04 27.09 13.74
CA LYS B 50 0.75 26.98 13.07
C LYS B 50 0.91 26.68 11.58
N GLN B 51 1.87 27.34 10.93
CA GLN B 51 2.15 27.07 9.52
C GLN B 51 2.45 25.60 9.28
N ILE B 52 3.35 25.03 10.08
CA ILE B 52 3.70 23.62 9.91
C ILE B 52 2.51 22.72 10.22
N SER B 53 1.69 23.11 11.20
CA SER B 53 0.51 22.33 11.52
C SER B 53 -0.52 22.37 10.40
N PHE B 54 -0.68 23.52 9.74
CA PHE B 54 -1.50 23.58 8.54
C PHE B 54 -0.95 22.67 7.43
N LEU B 55 0.34 22.79 7.16
CA LEU B 55 0.95 21.97 6.11
C LEU B 55 0.81 20.48 6.38
N SER B 56 0.89 20.08 7.66
CA SER B 56 0.76 18.67 7.99
C SER B 56 -0.69 18.18 7.89
N ASN B 57 -1.65 19.00 8.32
CA ASN B 57 -3.02 18.52 8.45
C ASN B 57 -3.91 18.86 7.27
N GLY B 58 -3.50 19.79 6.41
CA GLY B 58 -4.34 20.22 5.32
C GLY B 58 -5.36 21.27 5.70
N SER B 59 -5.36 21.73 6.94
CA SER B 59 -6.39 22.62 7.47
C SER B 59 -5.84 23.29 8.71
N TYR B 60 -6.50 24.37 9.13
CA TYR B 60 -6.28 24.89 10.47
C TYR B 60 -7.57 25.47 11.04
N PRO B 61 -7.82 25.26 12.33
CA PRO B 61 -9.13 25.64 12.90
C PRO B 61 -9.40 27.14 12.93
N SER B 62 -8.39 28.00 13.04
CA SER B 62 -8.64 29.42 13.23
C SER B 62 -7.49 30.25 12.71
N MET B 63 -7.78 31.18 11.79
CA MET B 63 -6.79 32.05 11.18
C MET B 63 -6.60 33.33 12.00
N ASP B 64 -5.44 33.94 11.83
CA ASP B 64 -5.08 35.19 12.49
C ASP B 64 -5.76 36.39 11.83
N ALA B 65 -5.74 37.52 12.54
CA ALA B 65 -6.17 38.79 11.95
C ALA B 65 -5.13 39.28 10.95
N THR B 66 -5.59 39.66 9.75
CA THR B 66 -4.72 40.30 8.77
C THR B 66 -4.33 41.70 9.23
N THR B 67 -3.04 42.01 9.17
CA THR B 67 -2.51 43.27 9.70
C THR B 67 -1.33 43.71 8.85
N PRO B 68 -1.59 44.47 7.76
CA PRO B 68 -0.50 45.11 7.02
C PRO B 68 0.40 45.95 7.91
N LEU B 69 -0.14 46.37 9.06
CA LEU B 69 0.59 46.95 10.17
C LEU B 69 1.93 46.26 10.43
N ASN B 70 1.93 44.93 10.42
CA ASN B 70 3.07 44.14 10.89
C ASN B 70 3.34 42.99 9.93
N PRO B 71 3.79 43.30 8.71
CA PRO B 71 3.82 42.29 7.65
C PRO B 71 4.88 41.22 7.92
N TRP B 72 4.67 40.05 7.33
CA TRP B 72 5.65 38.98 7.42
C TRP B 72 5.67 38.17 6.14
N LYS B 73 6.76 37.41 5.97
CA LYS B 73 6.94 36.45 4.89
C LYS B 73 7.52 35.17 5.49
N SER B 74 6.97 34.02 5.12
CA SER B 74 7.51 32.73 5.55
C SER B 74 7.37 31.70 4.44
N THR B 75 8.51 31.24 3.93
CA THR B 75 8.57 30.50 2.67
C THR B 75 8.80 29.02 2.94
N TYR B 76 8.10 28.17 2.19
CA TYR B 76 8.27 26.72 2.21
C TYR B 76 8.30 26.22 0.79
N GLN B 77 8.75 24.97 0.62
CA GLN B 77 8.65 24.29 -0.67
C GLN B 77 8.08 22.90 -0.47
N ALA B 78 6.94 22.63 -1.10
CA ALA B 78 6.34 21.30 -1.15
C ALA B 78 6.81 20.58 -2.41
N VAL B 79 7.46 19.44 -2.23
CA VAL B 79 7.95 18.63 -3.34
C VAL B 79 7.13 17.35 -3.40
N LEU B 80 6.33 17.20 -4.46
CA LEU B 80 5.53 15.99 -4.66
C LEU B 80 6.19 15.16 -5.74
N ARG B 81 6.38 13.87 -5.45
CA ARG B 81 7.07 12.95 -6.34
C ARG B 81 6.21 11.75 -6.61
N ALA B 82 6.00 11.45 -7.90
CA ALA B 82 5.54 10.12 -8.27
C ALA B 82 6.66 9.11 -8.06
N GLU B 83 6.31 7.97 -7.52
CA GLU B 83 7.21 6.83 -7.38
C GLU B 83 6.43 5.61 -7.86
N PRO B 84 7.03 4.41 -7.92
CA PRO B 84 6.22 3.25 -8.30
C PRO B 84 5.25 2.91 -7.16
N HIS B 85 3.97 2.84 -7.51
CA HIS B 85 2.87 2.49 -6.61
C HIS B 85 2.59 3.51 -5.50
N ARG B 86 3.27 4.66 -5.47
CA ARG B 86 2.88 5.67 -4.48
C ARG B 86 3.33 7.05 -4.90
N VAL B 87 2.64 8.06 -4.34
CA VAL B 87 3.03 9.46 -4.40
C VAL B 87 3.49 9.91 -3.03
N THR B 88 4.60 10.64 -2.97
CA THR B 88 5.10 11.25 -1.75
C THR B 88 5.04 12.77 -1.83
N MET B 89 4.82 13.42 -0.69
CA MET B 89 5.05 14.86 -0.56
C MET B 89 6.01 15.15 0.59
N ASP B 90 7.09 15.86 0.27
CA ASP B 90 8.02 16.41 1.25
C ASP B 90 7.84 17.91 1.29
N VAL B 91 7.73 18.48 2.50
CA VAL B 91 7.68 19.93 2.66
C VAL B 91 8.90 20.40 3.45
N TYR B 92 9.61 21.38 2.90
CA TYR B 92 10.85 21.91 3.45
C TYR B 92 10.64 23.36 3.85
N HIS B 93 11.29 23.78 4.94
CA HIS B 93 11.38 25.21 5.23
C HIS B 93 12.30 25.91 4.23
N LYS B 94 11.83 27.05 3.72
CA LYS B 94 12.42 27.80 2.62
C LYS B 94 12.64 27.00 1.34
N ARG B 95 13.48 25.96 1.40
CA ARG B 95 14.10 25.46 0.19
C ARG B 95 14.54 24.02 0.41
N ILE B 96 14.34 23.17 -0.60
CA ILE B 96 14.95 21.86 -0.61
C ILE B 96 16.45 21.99 -0.83
N ARG B 97 17.24 21.35 0.03
CA ARG B 97 18.68 21.34 -0.07
C ARG B 97 19.20 19.91 -0.07
N PRO B 98 20.33 19.68 -0.73
CA PRO B 98 20.93 18.34 -0.74
C PRO B 98 21.09 17.76 0.66
N PHE B 99 20.67 16.50 0.82
CA PHE B 99 20.81 15.71 2.05
C PHE B 99 20.09 16.25 3.27
N ARG B 100 19.47 17.42 3.18
CA ARG B 100 18.66 17.92 4.29
C ARG B 100 17.27 17.27 4.26
N LEU B 101 16.64 17.21 5.45
CA LEU B 101 15.42 16.44 5.64
C LEU B 101 14.20 17.35 5.82
N PRO B 102 13.03 16.91 5.36
CA PRO B 102 11.83 17.75 5.39
C PRO B 102 11.18 17.83 6.78
N LEU B 103 10.42 18.92 6.97
CA LEU B 103 9.61 19.09 8.17
C LEU B 103 8.36 18.22 8.14
N VAL B 104 7.75 18.05 6.97
CA VAL B 104 6.54 17.25 6.81
C VAL B 104 6.79 16.21 5.71
N GLN B 105 6.38 14.97 5.96
CA GLN B 105 6.27 13.97 4.92
C GLN B 105 4.86 13.38 4.89
N LYS B 106 4.37 13.16 3.67
CA LYS B 106 3.07 12.55 3.42
C LYS B 106 3.21 11.50 2.34
N GLU B 107 2.28 10.54 2.35
CA GLU B 107 2.35 9.43 1.41
C GLU B 107 0.94 8.94 1.10
N TRP B 108 0.76 8.47 -0.13
CA TRP B 108 -0.51 7.94 -0.62
C TRP B 108 -0.22 6.76 -1.53
N ARG B 109 -0.96 5.65 -1.36
CA ARG B 109 -0.94 4.56 -2.34
C ARG B 109 -1.77 4.94 -3.55
N THR B 110 -1.10 5.40 -4.60
CA THR B 110 -1.73 6.03 -5.76
C THR B 110 -0.64 6.22 -6.80
N CYS B 111 -1.03 6.32 -8.07
CA CYS B 111 -0.12 6.80 -9.10
C CYS B 111 -0.70 8.06 -9.73
N GLU B 112 0.18 8.87 -10.28
CA GLU B 112 -0.22 10.04 -11.04
C GLU B 112 0.55 10.12 -12.35
N GLU B 113 -0.17 10.51 -13.39
CA GLU B 113 0.30 10.45 -14.77
C GLU B 113 1.29 11.57 -15.07
N ASN B 114 1.12 12.72 -14.42
CA ASN B 114 1.79 13.94 -14.83
C ASN B 114 1.80 14.92 -13.66
N VAL B 115 2.53 16.02 -13.85
CA VAL B 115 2.66 17.04 -12.81
C VAL B 115 1.29 17.62 -12.46
N PHE B 116 0.42 17.82 -13.45
CA PHE B 116 -0.93 18.30 -13.17
C PHE B 116 -1.73 17.30 -12.34
N GLY B 117 -1.44 16.02 -12.47
CA GLY B 117 -1.99 15.03 -11.57
C GLY B 117 -1.46 15.16 -10.15
N LEU B 118 -0.15 15.38 -10.00
CA LEU B 118 0.43 15.63 -8.69
C LEU B 118 -0.12 16.88 -8.03
N TYR B 119 -0.48 17.91 -8.82
CA TYR B 119 -1.17 19.05 -8.24
C TYR B 119 -2.51 18.68 -7.64
N HIS B 120 -3.24 17.76 -8.27
CA HIS B 120 -4.52 17.33 -7.72
C HIS B 120 -4.36 16.65 -6.36
N VAL B 121 -3.28 15.90 -6.18
CA VAL B 121 -2.97 15.33 -4.86
C VAL B 121 -2.72 16.43 -3.83
N PHE B 122 -1.90 17.41 -4.18
CA PHE B 122 -1.66 18.56 -3.30
C PHE B 122 -2.95 19.26 -2.88
N GLU B 123 -3.75 19.70 -3.86
CA GLU B 123 -4.95 20.46 -3.53
C GLU B 123 -6.01 19.60 -2.84
N THR B 124 -6.01 18.29 -3.09
CA THR B 124 -6.87 17.38 -2.33
C THR B 124 -6.46 17.30 -0.86
N HIS B 125 -5.16 17.37 -0.57
CA HIS B 125 -4.72 17.43 0.82
C HIS B 125 -5.19 18.71 1.49
N TYR B 126 -4.97 19.85 0.84
CA TYR B 126 -5.42 21.16 1.32
C TYR B 126 -6.84 21.47 0.84
N ALA B 127 -7.74 20.50 1.08
CA ALA B 127 -9.05 20.48 0.46
C ALA B 127 -9.86 21.75 0.73
N GLY B 128 -10.36 22.36 -0.34
CA GLY B 128 -11.17 23.57 -0.26
C GLY B 128 -10.44 24.86 0.02
N TYR B 129 -9.15 24.84 0.31
CA TYR B 129 -8.47 26.09 0.62
C TYR B 129 -7.98 26.84 -0.62
N PHE B 130 -7.31 26.14 -1.54
CA PHE B 130 -6.71 26.82 -2.67
C PHE B 130 -7.75 27.18 -3.73
N SER B 131 -7.73 28.44 -4.13
CA SER B 131 -8.50 28.92 -5.26
C SER B 131 -8.10 28.20 -6.54
N ASP B 132 -8.92 28.40 -7.55
CA ASP B 132 -8.72 27.83 -8.88
C ASP B 132 -7.33 28.15 -9.42
N LEU B 133 -6.66 27.11 -9.92
CA LEU B 133 -5.30 27.24 -10.42
C LEU B 133 -5.28 28.03 -11.73
N LEU B 134 -4.62 29.20 -11.71
CA LEU B 134 -4.37 29.99 -12.91
C LEU B 134 -3.11 29.48 -13.61
N ILE B 135 -3.26 28.95 -14.82
CA ILE B 135 -2.14 28.40 -15.59
C ILE B 135 -1.75 29.36 -16.71
N HIS B 136 -0.44 29.57 -16.86
CA HIS B 136 0.13 30.41 -17.90
C HIS B 136 0.88 29.56 -18.92
N ASP B 137 0.81 29.93 -20.19
CA ASP B 137 1.53 29.20 -21.22
C ASP B 137 3.04 29.45 -21.12
N VAL B 138 3.82 28.37 -21.21
CA VAL B 138 5.26 28.42 -21.05
C VAL B 138 6.00 27.95 -22.29
N GLU B 139 5.29 27.52 -23.33
CA GLU B 139 5.89 27.14 -24.61
C GLU B 139 5.77 28.32 -25.56
N THR B 140 6.90 28.76 -26.11
CA THR B 140 6.91 29.96 -26.92
C THR B 140 8.03 29.87 -27.94
N ASN B 141 7.82 30.50 -29.09
CA ASN B 141 8.78 30.49 -30.20
C ASN B 141 10.13 31.07 -29.78
N PRO C 12 -5.92 1.57 24.42
CA PRO C 12 -4.57 1.77 24.96
C PRO C 12 -3.89 3.01 24.38
N THR C 13 -3.41 3.90 25.25
CA THR C 13 -2.81 5.15 24.82
C THR C 13 -1.64 5.50 25.74
N LEU C 14 -0.67 6.21 25.19
CA LEU C 14 0.52 6.64 25.90
C LEU C 14 0.77 8.11 25.60
N HIS C 15 1.03 8.90 26.63
CA HIS C 15 1.30 10.34 26.49
C HIS C 15 2.71 10.64 26.95
N ILE C 16 3.48 11.29 26.09
CA ILE C 16 4.90 11.56 26.35
C ILE C 16 5.14 13.06 26.26
N LEU C 17 5.49 13.67 27.39
CA LEU C 17 5.94 15.06 27.42
C LEU C 17 7.42 15.13 27.04
N LEU C 18 7.73 15.92 26.01
CA LEU C 18 9.08 16.04 25.47
C LEU C 18 9.59 17.45 25.69
N GLN C 19 10.76 17.59 26.32
CA GLN C 19 11.37 18.89 26.55
C GLN C 19 12.77 18.94 25.94
N PHE C 20 12.96 19.82 24.96
CA PHE C 20 14.28 20.21 24.48
C PHE C 20 14.87 21.28 25.40
N ASN C 21 16.14 21.11 25.77
CA ASN C 21 16.86 22.14 26.50
C ASN C 21 18.35 22.05 26.15
N HIS C 22 19.13 22.98 26.72
CA HIS C 22 20.57 23.08 26.47
C HIS C 22 21.34 21.85 26.90
N ARG C 23 20.68 20.88 27.53
CA ARG C 23 21.31 19.68 28.04
C ARG C 23 20.98 18.45 27.21
N GLY C 24 19.96 18.53 26.35
CA GLY C 24 19.51 17.41 25.56
C GLY C 24 18.00 17.37 25.45
N LEU C 25 17.44 16.18 25.29
CA LEU C 25 16.00 16.01 25.14
C LEU C 25 15.50 15.08 26.23
N GLU C 26 14.51 15.53 26.99
CA GLU C 26 13.96 14.77 28.10
C GLU C 26 12.54 14.33 27.78
N ALA C 27 12.26 13.04 27.92
CA ALA C 27 10.92 12.50 27.72
C ALA C 27 10.39 12.05 29.07
N ARG C 28 9.29 12.64 29.50
CA ARG C 28 8.58 12.21 30.70
C ARG C 28 7.23 11.67 30.26
N ILE C 29 6.93 10.44 30.64
CA ILE C 29 5.55 9.99 30.80
C ILE C 29 5.12 10.35 32.22
N PHE C 30 4.32 11.41 32.33
CA PHE C 30 3.38 11.52 33.44
C PHE C 30 2.21 10.59 33.14
N ARG C 31 1.76 9.85 34.15
CA ARG C 31 0.59 9.00 33.97
C ARG C 31 -0.32 9.16 35.18
N HIS C 32 -1.42 9.87 34.97
CA HIS C 32 -2.48 10.06 35.96
C HIS C 32 -1.98 10.85 37.17
N GLY C 33 -1.46 12.04 36.88
CA GLY C 33 -1.06 13.02 37.87
C GLY C 33 0.40 12.98 38.30
N GLN C 34 1.03 11.82 38.30
CA GLN C 34 2.35 11.67 38.91
C GLN C 34 3.32 11.06 37.92
N LEU C 35 4.61 11.41 38.09
CA LEU C 35 5.66 11.04 37.15
C LEU C 35 5.85 9.54 37.12
N TRP C 36 5.74 8.94 35.94
CA TRP C 36 5.64 7.49 35.81
C TRP C 36 6.80 6.85 35.06
N ALA C 37 7.40 7.53 34.08
CA ALA C 37 8.63 7.04 33.48
C ALA C 37 9.45 8.21 32.94
N GLU C 38 10.76 7.97 32.82
CA GLU C 38 11.70 8.95 32.31
C GLU C 38 12.65 8.30 31.32
N THR C 39 13.05 9.06 30.30
CA THR C 39 14.21 8.72 29.50
C THR C 39 14.81 10.01 28.95
N HIS C 40 16.07 9.94 28.51
CA HIS C 40 16.78 11.12 28.04
C HIS C 40 17.56 10.78 26.78
N ALA C 41 17.71 11.77 25.90
CA ALA C 41 18.44 11.63 24.65
C ALA C 41 19.44 12.77 24.47
N GLU C 42 20.57 12.45 23.83
CA GLU C 42 21.62 13.42 23.52
C GLU C 42 21.24 14.32 22.34
N VAL C 43 20.07 14.95 22.39
CA VAL C 43 19.53 15.70 21.26
C VAL C 43 19.48 17.18 21.65
N VAL C 44 20.47 17.95 21.19
CA VAL C 44 20.59 19.38 21.50
C VAL C 44 20.23 20.18 20.25
N LEU C 45 19.04 20.80 20.25
CA LEU C 45 18.54 21.54 19.08
C LEU C 45 17.71 22.72 19.57
N ARG C 46 18.26 23.92 19.42
CA ARG C 46 17.61 25.15 19.88
C ARG C 46 16.44 25.58 18.99
N SER C 47 16.61 25.53 17.67
CA SER C 47 15.59 26.04 16.76
C SER C 47 14.38 25.11 16.64
N LYS C 48 13.20 25.74 16.48
CA LYS C 48 11.96 24.99 16.35
C LYS C 48 11.93 24.14 15.07
N THR C 49 12.46 24.66 13.96
CA THR C 49 12.48 23.87 12.73
C THR C 49 13.33 22.62 12.91
N LYS C 50 14.50 22.76 13.56
CA LYS C 50 15.35 21.60 13.80
C LYS C 50 14.66 20.60 14.71
N GLN C 51 13.94 21.08 15.73
CA GLN C 51 13.23 20.19 16.64
C GLN C 51 12.14 19.41 15.92
N ILE C 52 11.35 20.08 15.08
CA ILE C 52 10.27 19.41 14.37
C ILE C 52 10.82 18.49 13.29
N SER C 53 11.93 18.86 12.66
CA SER C 53 12.63 17.93 11.78
C SER C 53 13.05 16.66 12.51
N PHE C 54 13.63 16.82 13.71
CA PHE C 54 13.95 15.65 14.52
C PHE C 54 12.70 14.86 14.88
N LEU C 55 11.66 15.54 15.35
CA LEU C 55 10.43 14.84 15.74
C LEU C 55 9.82 14.09 14.57
N SER C 56 9.87 14.69 13.37
CA SER C 56 9.28 14.05 12.20
C SER C 56 10.15 12.92 11.66
N ASN C 57 11.46 13.15 11.52
CA ASN C 57 12.30 12.12 10.92
C ASN C 57 12.87 11.13 11.92
N GLY C 58 12.90 11.47 13.20
CA GLY C 58 13.51 10.60 14.19
C GLY C 58 15.01 10.73 14.31
N SER C 59 15.62 11.70 13.63
CA SER C 59 17.06 11.87 13.65
C SER C 59 17.37 13.30 13.22
N TYR C 60 18.58 13.76 13.57
CA TYR C 60 19.12 14.99 13.02
C TYR C 60 20.64 14.89 12.89
N PRO C 61 21.22 15.39 11.80
CA PRO C 61 22.60 15.00 11.47
C PRO C 61 23.67 15.62 12.36
N SER C 62 23.44 16.80 12.93
CA SER C 62 24.43 17.41 13.81
C SER C 62 23.73 18.27 14.85
N MET C 63 24.17 18.14 16.11
CA MET C 63 23.57 18.81 17.24
C MET C 63 24.22 20.17 17.51
N ASP C 64 23.44 21.07 18.12
CA ASP C 64 23.93 22.35 18.61
C ASP C 64 24.87 22.19 19.80
N ALA C 65 25.61 23.26 20.08
CA ALA C 65 26.45 23.34 21.28
C ALA C 65 25.61 23.46 22.55
N THR C 66 26.04 22.75 23.59
CA THR C 66 25.49 22.90 24.94
C THR C 66 25.96 24.22 25.57
N THR C 67 25.01 25.07 25.98
CA THR C 67 25.32 26.39 26.52
C THR C 67 24.55 26.63 27.81
N PRO C 68 25.10 26.23 28.96
CA PRO C 68 24.39 26.43 30.24
C PRO C 68 24.11 27.89 30.58
N LEU C 69 24.88 28.83 30.03
CA LEU C 69 24.65 30.24 30.25
C LEU C 69 23.78 30.86 29.16
N ASN C 70 23.36 30.07 28.19
CA ASN C 70 22.36 30.44 27.20
C ASN C 70 21.32 29.34 27.15
N PRO C 71 20.56 29.16 28.22
CA PRO C 71 19.60 28.05 28.28
C PRO C 71 18.33 28.35 27.51
N TRP C 72 17.64 27.27 27.15
CA TRP C 72 16.34 27.36 26.51
C TRP C 72 15.45 26.21 26.99
N LYS C 73 14.17 26.32 26.67
CA LYS C 73 13.20 25.27 26.96
C LYS C 73 12.12 25.29 25.89
N SER C 74 12.01 24.23 25.12
CA SER C 74 10.95 24.05 24.13
C SER C 74 10.29 22.70 24.37
N THR C 75 8.96 22.69 24.41
CA THR C 75 8.21 21.54 24.89
C THR C 75 7.19 21.07 23.86
N TYR C 76 7.00 19.75 23.82
CA TYR C 76 6.07 19.10 22.92
C TYR C 76 5.44 17.92 23.66
N GLN C 77 4.25 17.50 23.19
CA GLN C 77 3.61 16.28 23.70
C GLN C 77 3.30 15.34 22.54
N ALA C 78 3.84 14.11 22.62
CA ALA C 78 3.46 13.04 21.71
C ALA C 78 2.33 12.21 22.30
N VAL C 79 1.28 11.98 21.51
CA VAL C 79 0.18 11.09 21.89
C VAL C 79 0.22 9.87 20.98
N LEU C 80 0.44 8.70 21.56
CA LEU C 80 0.39 7.43 20.84
C LEU C 80 -0.87 6.66 21.23
N ARG C 81 -1.60 6.18 20.24
CA ARG C 81 -2.77 5.34 20.46
C ARG C 81 -2.61 4.04 19.69
N ALA C 82 -2.88 2.92 20.35
CA ALA C 82 -2.96 1.61 19.71
C ALA C 82 -4.39 1.32 19.29
N GLU C 83 -4.61 1.17 17.99
CA GLU C 83 -5.88 0.83 17.40
C GLU C 83 -5.87 -0.63 16.93
N PRO C 84 -7.02 -1.16 16.47
CA PRO C 84 -7.05 -2.58 16.09
C PRO C 84 -6.02 -2.99 15.05
N HIS C 85 -5.74 -2.15 14.05
CA HIS C 85 -4.82 -2.54 12.99
C HIS C 85 -3.77 -1.48 12.69
N ARG C 86 -3.66 -0.44 13.51
CA ARG C 86 -2.63 0.56 13.33
C ARG C 86 -2.28 1.16 14.68
N VAL C 87 -1.09 1.75 14.77
CA VAL C 87 -0.73 2.66 15.84
C VAL C 87 -0.51 4.05 15.23
N THR C 88 -1.03 5.07 15.90
CA THR C 88 -0.80 6.45 15.51
C THR C 88 0.05 7.16 16.55
N MET C 89 0.88 8.09 16.08
CA MET C 89 1.51 9.08 16.94
C MET C 89 1.21 10.47 16.40
N ASP C 90 0.69 11.34 17.28
CA ASP C 90 0.49 12.74 16.99
C ASP C 90 1.31 13.56 17.99
N VAL C 91 2.13 14.47 17.47
CA VAL C 91 2.96 15.32 18.31
C VAL C 91 2.41 16.74 18.27
N TYR C 92 2.16 17.31 19.45
CA TYR C 92 1.53 18.61 19.61
C TYR C 92 2.56 19.57 20.20
N HIS C 93 2.52 20.82 19.73
CA HIS C 93 3.28 21.87 20.38
C HIS C 93 2.85 22.02 21.84
N LYS C 94 3.83 21.96 22.74
CA LYS C 94 3.65 22.07 24.19
C LYS C 94 2.75 21.00 24.78
N ARG C 95 1.52 20.87 24.29
CA ARG C 95 0.47 20.15 25.01
C ARG C 95 -0.72 20.01 24.08
N ILE C 96 -1.33 18.83 24.08
CA ILE C 96 -2.58 18.64 23.33
C ILE C 96 -3.69 19.48 23.95
N ARG C 97 -4.36 20.26 23.11
CA ARG C 97 -5.47 21.10 23.52
C ARG C 97 -6.39 21.15 22.31
N PRO C 98 -7.70 21.18 22.51
CA PRO C 98 -8.62 21.09 21.37
C PRO C 98 -8.46 22.17 20.31
N PHE C 99 -7.85 23.31 20.65
CA PHE C 99 -7.60 24.34 19.63
C PHE C 99 -6.42 24.00 18.72
N ARG C 100 -5.57 23.07 19.12
CA ARG C 100 -4.40 22.68 18.33
C ARG C 100 -4.67 21.44 17.50
N LEU C 101 -4.04 21.38 16.33
CA LEU C 101 -3.87 20.18 15.54
C LEU C 101 -2.48 19.61 15.75
N PRO C 102 -2.23 18.35 15.36
CA PRO C 102 -0.88 17.80 15.48
C PRO C 102 0.13 18.59 14.66
N LEU C 103 1.35 18.68 15.20
CA LEU C 103 2.47 19.28 14.50
C LEU C 103 3.25 18.24 13.70
N VAL C 104 3.32 17.01 14.20
CA VAL C 104 3.84 15.86 13.45
C VAL C 104 2.79 14.77 13.52
N GLN C 105 2.56 14.09 12.40
CA GLN C 105 1.66 12.95 12.35
C GLN C 105 2.42 11.74 11.81
N LYS C 106 2.35 10.64 12.56
CA LYS C 106 2.95 9.38 12.13
C LYS C 106 1.97 8.24 12.36
N GLU C 107 2.15 7.18 11.59
CA GLU C 107 1.19 6.09 11.55
C GLU C 107 1.92 4.85 11.08
N TRP C 108 1.68 3.73 11.75
CA TRP C 108 2.32 2.47 11.39
C TRP C 108 1.29 1.35 11.34
N ARG C 109 1.45 0.49 10.33
CA ARG C 109 0.54 -0.62 10.06
C ARG C 109 0.82 -1.80 11.01
N THR C 110 0.70 -1.54 12.31
CA THR C 110 1.22 -2.45 13.32
C THR C 110 0.21 -2.64 14.45
N CYS C 111 0.41 -3.72 15.22
CA CYS C 111 -0.45 -4.20 16.29
C CYS C 111 0.31 -4.20 17.61
N GLU C 112 -0.31 -3.65 18.64
CA GLU C 112 0.26 -3.62 19.99
C GLU C 112 -0.86 -3.67 21.01
N GLU C 113 -0.53 -4.16 22.20
CA GLU C 113 -1.54 -4.25 23.24
C GLU C 113 -1.06 -3.60 24.53
N ASN C 114 0.09 -4.04 25.04
CA ASN C 114 0.63 -3.46 26.27
C ASN C 114 1.20 -2.06 26.02
N VAL C 115 1.18 -1.23 27.07
CA VAL C 115 1.75 0.11 27.00
C VAL C 115 3.24 0.10 26.66
N PHE C 116 3.97 -0.95 27.04
CA PHE C 116 5.35 -1.11 26.56
C PHE C 116 5.40 -1.23 25.04
N GLY C 117 4.39 -1.85 24.44
CA GLY C 117 4.37 -1.94 22.99
C GLY C 117 4.31 -0.59 22.33
N LEU C 118 3.51 0.31 22.89
CA LEU C 118 3.46 1.69 22.41
C LEU C 118 4.81 2.39 22.57
N TYR C 119 5.50 2.16 23.68
CA TYR C 119 6.83 2.76 23.86
C TYR C 119 7.84 2.23 22.84
N HIS C 120 7.77 0.93 22.51
CA HIS C 120 8.68 0.38 21.51
C HIS C 120 8.51 1.06 20.15
N VAL C 121 7.28 1.39 19.78
CA VAL C 121 7.05 2.11 18.52
C VAL C 121 7.70 3.49 18.57
N PHE C 122 7.44 4.24 19.65
CA PHE C 122 8.09 5.52 19.87
C PHE C 122 9.60 5.40 19.83
N GLU C 123 10.16 4.46 20.59
CA GLU C 123 11.61 4.31 20.68
C GLU C 123 12.23 3.85 19.37
N THR C 124 11.50 3.08 18.57
CA THR C 124 12.00 2.66 17.26
C THR C 124 12.02 3.82 16.26
N HIS C 125 11.10 4.77 16.38
CA HIS C 125 11.15 5.93 15.51
C HIS C 125 12.35 6.82 15.81
N TYR C 126 12.59 7.11 17.08
CA TYR C 126 13.79 7.80 17.53
C TYR C 126 14.94 6.85 17.84
N ALA C 127 15.25 5.98 16.87
CA ALA C 127 16.19 4.89 17.06
C ALA C 127 17.55 5.39 17.53
N GLY C 128 18.11 4.70 18.54
CA GLY C 128 19.42 4.99 19.07
C GLY C 128 19.52 6.15 20.04
N TYR C 129 18.44 6.90 20.27
CA TYR C 129 18.50 8.09 21.11
C TYR C 129 18.10 7.86 22.56
N PHE C 130 17.09 7.02 22.82
CA PHE C 130 16.56 6.82 24.17
C PHE C 130 17.00 5.46 24.71
N SER C 131 18.29 5.38 25.06
CA SER C 131 18.90 4.13 25.50
C SER C 131 18.25 3.57 26.77
N ASP C 132 18.11 4.39 27.81
CA ASP C 132 17.64 3.94 29.12
C ASP C 132 16.25 4.47 29.43
N LEU C 133 15.37 3.59 29.92
CA LEU C 133 14.06 3.99 30.42
C LEU C 133 13.95 3.67 31.90
N LEU C 134 13.60 4.67 32.71
CA LEU C 134 13.34 4.50 34.14
C LEU C 134 11.85 4.41 34.45
N ILE C 135 11.35 3.20 34.68
CA ILE C 135 10.03 3.06 35.30
C ILE C 135 10.10 3.52 36.75
N HIS C 136 9.15 4.36 37.14
CA HIS C 136 9.26 5.20 38.32
C HIS C 136 8.32 4.73 39.44
N ASP C 137 8.41 5.43 40.57
CA ASP C 137 7.53 5.26 41.72
C ASP C 137 7.54 3.80 42.19
N PRO D 12 -9.37 2.38 -22.77
CA PRO D 12 -8.00 1.86 -22.86
C PRO D 12 -7.90 0.44 -22.32
N THR D 13 -8.25 -0.55 -23.15
CA THR D 13 -8.24 -1.94 -22.73
C THR D 13 -7.51 -2.78 -23.78
N LEU D 14 -7.09 -3.98 -23.36
CA LEU D 14 -6.38 -4.89 -24.25
C LEU D 14 -6.88 -6.31 -24.00
N HIS D 15 -7.26 -7.00 -25.07
CA HIS D 15 -7.71 -8.39 -25.01
C HIS D 15 -6.65 -9.28 -25.64
N ILE D 16 -6.17 -10.27 -24.89
CA ILE D 16 -5.15 -11.21 -25.37
C ILE D 16 -5.69 -12.63 -25.26
N LEU D 17 -5.91 -13.29 -26.40
CA LEU D 17 -6.22 -14.71 -26.41
C LEU D 17 -4.97 -15.55 -26.18
N LEU D 18 -5.03 -16.42 -25.17
CA LEU D 18 -3.90 -17.25 -24.77
C LEU D 18 -4.24 -18.71 -25.03
N GLN D 19 -3.42 -19.40 -25.82
CA GLN D 19 -3.59 -20.81 -26.09
C GLN D 19 -2.37 -21.59 -25.63
N PHE D 20 -2.57 -22.49 -24.66
CA PHE D 20 -1.60 -23.51 -24.32
C PHE D 20 -1.74 -24.70 -25.26
N ASN D 21 -0.62 -25.21 -25.77
CA ASN D 21 -0.64 -26.43 -26.54
C ASN D 21 0.71 -27.14 -26.39
N HIS D 22 0.84 -28.28 -27.07
CA HIS D 22 2.04 -29.10 -26.99
C HIS D 22 3.29 -28.40 -27.51
N ARG D 23 3.14 -27.34 -28.31
CA ARG D 23 4.27 -26.62 -28.86
C ARG D 23 4.73 -25.46 -27.98
N GLY D 24 3.88 -24.96 -27.10
CA GLY D 24 4.22 -23.84 -26.26
C GLY D 24 2.96 -23.06 -25.90
N LEU D 25 3.15 -21.77 -25.63
CA LEU D 25 2.06 -20.87 -25.30
C LEU D 25 2.01 -19.77 -26.35
N GLU D 26 0.87 -19.64 -27.02
CA GLU D 26 0.66 -18.64 -28.06
C GLU D 26 -0.25 -17.53 -27.55
N ALA D 27 0.09 -16.29 -27.87
CA ALA D 27 -0.69 -15.13 -27.46
C ALA D 27 -1.04 -14.31 -28.69
N ARG D 28 -2.32 -13.96 -28.82
CA ARG D 28 -2.84 -13.30 -30.02
C ARG D 28 -3.70 -12.10 -29.64
N ILE D 29 -3.59 -11.03 -30.43
CA ILE D 29 -4.33 -9.79 -30.24
C ILE D 29 -5.00 -9.45 -31.57
N PHE D 30 -6.25 -8.99 -31.51
CA PHE D 30 -7.06 -8.83 -32.70
C PHE D 30 -7.52 -7.39 -32.88
N ARG D 31 -7.55 -6.94 -34.14
CA ARG D 31 -7.96 -5.60 -34.50
C ARG D 31 -8.62 -5.68 -35.87
N HIS D 32 -9.56 -4.77 -36.13
CA HIS D 32 -10.67 -5.05 -37.07
C HIS D 32 -11.32 -6.31 -36.51
N GLY D 33 -11.63 -7.30 -37.34
CA GLY D 33 -11.82 -8.65 -36.86
C GLY D 33 -10.59 -9.52 -36.94
N GLN D 34 -9.50 -9.00 -37.52
CA GLN D 34 -8.36 -9.78 -37.95
C GLN D 34 -7.36 -9.98 -36.81
N LEU D 35 -6.50 -10.99 -36.98
CA LEU D 35 -5.35 -11.20 -36.10
C LEU D 35 -4.35 -10.07 -36.27
N TRP D 36 -4.25 -9.19 -35.26
CA TRP D 36 -3.38 -8.02 -35.35
C TRP D 36 -1.94 -8.30 -34.90
N ALA D 37 -1.74 -9.13 -33.87
CA ALA D 37 -0.38 -9.38 -33.40
C ALA D 37 -0.26 -10.77 -32.80
N GLU D 38 0.93 -11.35 -32.93
CA GLU D 38 1.26 -12.67 -32.42
C GLU D 38 2.50 -12.59 -31.55
N THR D 39 2.54 -13.43 -30.51
CA THR D 39 3.78 -13.73 -29.83
C THR D 39 3.71 -15.15 -29.29
N HIS D 40 4.88 -15.72 -29.00
CA HIS D 40 4.96 -17.12 -28.58
C HIS D 40 5.95 -17.25 -27.43
N ALA D 41 5.67 -18.20 -26.53
CA ALA D 41 6.53 -18.50 -25.40
C ALA D 41 6.76 -20.01 -25.29
N GLU D 42 7.98 -20.38 -24.90
CA GLU D 42 8.36 -21.78 -24.67
C GLU D 42 7.81 -22.32 -23.33
N VAL D 43 6.50 -22.27 -23.20
CA VAL D 43 5.81 -22.73 -21.99
C VAL D 43 4.88 -23.87 -22.36
N VAL D 44 5.24 -25.09 -21.95
CA VAL D 44 4.48 -26.31 -22.26
C VAL D 44 3.93 -26.87 -20.96
N LEU D 45 2.61 -26.76 -20.76
CA LEU D 45 1.98 -27.18 -19.51
C LEU D 45 0.60 -27.74 -19.84
N ARG D 46 0.41 -29.04 -19.58
CA ARG D 46 -0.78 -29.77 -19.98
C ARG D 46 -1.93 -29.66 -18.98
N SER D 47 -1.63 -29.78 -17.69
CA SER D 47 -2.66 -29.78 -16.67
C SER D 47 -3.23 -28.38 -16.45
N LYS D 48 -4.54 -28.33 -16.16
CA LYS D 48 -5.21 -27.07 -15.90
C LYS D 48 -4.65 -26.36 -14.68
N THR D 49 -4.23 -27.13 -13.66
CA THR D 49 -3.61 -26.55 -12.48
C THR D 49 -2.29 -25.85 -12.79
N LYS D 50 -1.44 -26.49 -13.60
CA LYS D 50 -0.17 -25.86 -13.97
C LYS D 50 -0.38 -24.63 -14.86
N GLN D 51 -1.33 -24.70 -15.80
CA GLN D 51 -1.59 -23.55 -16.66
C GLN D 51 -2.00 -22.34 -15.83
N ILE D 52 -2.94 -22.52 -14.90
CA ILE D 52 -3.42 -21.41 -14.08
C ILE D 52 -2.33 -20.92 -13.13
N SER D 53 -1.48 -21.83 -12.65
CA SER D 53 -0.34 -21.44 -11.83
C SER D 53 0.62 -20.54 -12.59
N PHE D 54 0.94 -20.92 -13.83
CA PHE D 54 1.71 -20.03 -14.69
C PHE D 54 1.02 -18.68 -14.89
N LEU D 55 -0.27 -18.71 -15.22
CA LEU D 55 -1.01 -17.47 -15.45
C LEU D 55 -1.02 -16.58 -14.20
N SER D 56 -1.12 -17.18 -13.02
CA SER D 56 -1.10 -16.38 -11.79
C SER D 56 0.30 -15.92 -11.42
N ASN D 57 1.29 -16.79 -11.49
CA ASN D 57 2.62 -16.43 -11.01
C ASN D 57 3.44 -15.69 -12.05
N GLY D 58 3.15 -15.91 -13.33
CA GLY D 58 3.99 -15.41 -14.40
C GLY D 58 5.20 -16.26 -14.70
N SER D 59 5.32 -17.42 -14.06
CA SER D 59 6.46 -18.31 -14.26
C SER D 59 6.02 -19.72 -13.90
N TYR D 60 6.77 -20.71 -14.38
CA TYR D 60 6.61 -22.05 -13.85
C TYR D 60 7.95 -22.78 -13.86
N PRO D 61 8.27 -23.54 -12.82
CA PRO D 61 9.68 -23.94 -12.60
C PRO D 61 10.20 -24.97 -13.59
N SER D 62 9.37 -25.92 -14.01
CA SER D 62 9.78 -26.89 -15.01
C SER D 62 8.60 -27.16 -15.95
N MET D 63 8.91 -27.30 -17.24
CA MET D 63 7.90 -27.53 -18.25
C MET D 63 7.61 -29.02 -18.44
N ASP D 64 6.41 -29.30 -18.97
CA ASP D 64 6.06 -30.62 -19.47
C ASP D 64 6.71 -30.87 -20.83
N ALA D 65 6.71 -32.15 -21.22
CA ALA D 65 7.29 -32.56 -22.50
C ALA D 65 6.39 -32.15 -23.67
N THR D 66 7.04 -31.73 -24.77
CA THR D 66 6.38 -31.51 -26.05
C THR D 66 6.06 -32.85 -26.71
N THR D 67 4.78 -33.07 -27.03
CA THR D 67 4.31 -34.36 -27.53
C THR D 67 3.35 -34.15 -28.69
N PRO D 68 3.87 -33.91 -29.90
CA PRO D 68 2.99 -33.63 -31.05
C PRO D 68 2.02 -34.75 -31.38
N LEU D 69 2.29 -35.99 -30.96
CA LEU D 69 1.37 -37.09 -31.16
C LEU D 69 0.35 -37.20 -30.03
N ASN D 70 0.54 -36.47 -28.95
CA ASN D 70 -0.43 -36.36 -27.86
C ASN D 70 -0.76 -34.90 -27.63
N PRO D 71 -1.36 -34.24 -28.63
CA PRO D 71 -1.51 -32.78 -28.56
C PRO D 71 -2.61 -32.38 -27.60
N TRP D 72 -2.68 -31.08 -27.35
CA TRP D 72 -3.79 -30.51 -26.60
C TRP D 72 -3.98 -29.05 -27.01
N LYS D 73 -5.06 -28.47 -26.50
CA LYS D 73 -5.38 -27.06 -26.72
C LYS D 73 -6.18 -26.60 -25.52
N SER D 74 -5.59 -25.75 -24.70
CA SER D 74 -6.29 -25.11 -23.59
C SER D 74 -6.20 -23.60 -23.79
N THR D 75 -7.35 -22.93 -23.77
CA THR D 75 -7.45 -21.54 -24.19
C THR D 75 -7.94 -20.68 -23.04
N TYR D 76 -7.36 -19.49 -22.93
CA TYR D 76 -7.74 -18.49 -21.94
C TYR D 76 -7.79 -17.14 -22.63
N GLN D 77 -8.53 -16.20 -22.03
CA GLN D 77 -8.55 -14.81 -22.48
C GLN D 77 -8.14 -13.92 -21.32
N ALA D 78 -7.06 -13.17 -21.51
CA ALA D 78 -6.65 -12.14 -20.56
C ALA D 78 -7.22 -10.79 -20.98
N VAL D 79 -7.82 -10.09 -20.03
CA VAL D 79 -8.35 -8.74 -20.26
C VAL D 79 -7.59 -7.79 -19.35
N LEU D 80 -6.83 -6.89 -19.96
CA LEU D 80 -6.12 -5.83 -19.24
C LEU D 80 -6.88 -4.52 -19.44
N ARG D 81 -7.07 -3.78 -18.36
N ARG D 81 -7.06 -3.78 -18.36
CA ARG D 81 -7.76 -2.49 -18.41
CA ARG D 81 -7.74 -2.50 -18.41
C ARG D 81 -6.96 -1.45 -17.62
C ARG D 81 -6.91 -1.46 -17.65
N ALA D 82 -6.84 -0.26 -18.21
CA ALA D 82 -6.12 0.85 -17.61
C ALA D 82 -7.14 1.78 -16.97
N GLU D 83 -7.20 1.78 -15.64
CA GLU D 83 -8.11 2.62 -14.88
C GLU D 83 -7.40 3.96 -14.59
N PRO D 84 -8.01 4.92 -13.89
CA PRO D 84 -7.28 6.20 -13.69
C PRO D 84 -6.01 6.05 -12.87
N HIS D 85 -6.03 5.25 -11.79
CA HIS D 85 -4.87 5.14 -10.92
C HIS D 85 -4.43 3.70 -10.70
N ARG D 86 -4.83 2.77 -11.56
CA ARG D 86 -4.40 1.38 -11.45
C ARG D 86 -4.62 0.68 -12.78
N VAL D 87 -4.02 -0.50 -12.89
CA VAL D 87 -4.22 -1.38 -14.04
C VAL D 87 -4.60 -2.76 -13.52
N THR D 88 -5.55 -3.40 -14.19
CA THR D 88 -6.01 -4.72 -13.81
C THR D 88 -5.81 -5.69 -14.96
N MET D 89 -5.58 -6.96 -14.63
CA MET D 89 -5.67 -8.04 -15.58
C MET D 89 -6.55 -9.14 -15.01
N ASP D 90 -7.60 -9.50 -15.74
CA ASP D 90 -8.46 -10.63 -15.42
C ASP D 90 -8.31 -11.68 -16.51
N VAL D 91 -8.10 -12.93 -16.11
CA VAL D 91 -7.94 -14.05 -17.03
C VAL D 91 -9.12 -15.00 -16.87
N TYR D 92 -9.75 -15.34 -17.98
CA TYR D 92 -10.96 -16.14 -18.01
C TYR D 92 -10.69 -17.46 -18.70
N HIS D 93 -11.32 -18.52 -18.19
CA HIS D 93 -11.32 -19.80 -18.89
C HIS D 93 -12.03 -19.66 -20.23
N LYS D 94 -11.32 -20.01 -21.30
CA LYS D 94 -11.85 -19.93 -22.65
C LYS D 94 -12.20 -18.53 -23.14
N ARG D 95 -13.18 -17.88 -22.53
CA ARG D 95 -13.59 -16.59 -23.06
C ARG D 95 -14.31 -15.78 -21.99
N ILE D 96 -14.14 -14.47 -22.04
CA ILE D 96 -14.88 -13.61 -21.12
C ILE D 96 -16.38 -13.67 -21.44
N ARG D 97 -17.18 -13.99 -20.43
CA ARG D 97 -18.63 -14.07 -20.59
C ARG D 97 -19.26 -13.67 -19.26
N PRO D 98 -20.38 -12.96 -19.27
CA PRO D 98 -20.89 -12.37 -18.02
C PRO D 98 -21.30 -13.40 -16.98
N PHE D 99 -21.51 -14.67 -17.37
CA PHE D 99 -21.86 -15.68 -16.38
C PHE D 99 -20.65 -16.24 -15.61
N ARG D 100 -19.43 -16.16 -16.16
CA ARG D 100 -18.28 -16.74 -15.48
C ARG D 100 -17.38 -15.65 -14.93
N LEU D 101 -16.68 -15.98 -13.83
CA LEU D 101 -15.70 -15.12 -13.17
C LEU D 101 -14.29 -15.43 -13.64
N PRO D 102 -13.36 -14.49 -13.48
CA PRO D 102 -11.95 -14.78 -13.81
C PRO D 102 -11.37 -15.92 -12.97
N LEU D 103 -10.48 -16.68 -13.61
CA LEU D 103 -9.66 -17.65 -12.89
C LEU D 103 -8.50 -16.98 -12.18
N VAL D 104 -7.96 -15.92 -12.78
CA VAL D 104 -6.83 -15.16 -12.24
C VAL D 104 -7.25 -13.70 -12.16
N GLN D 105 -6.91 -13.04 -11.06
CA GLN D 105 -7.12 -11.61 -10.94
C GLN D 105 -5.81 -10.99 -10.49
N LYS D 106 -5.43 -9.90 -11.15
CA LYS D 106 -4.17 -9.22 -10.89
C LYS D 106 -4.39 -7.72 -10.96
N GLU D 107 -3.56 -6.99 -10.22
CA GLU D 107 -3.83 -5.60 -9.92
C GLU D 107 -2.52 -4.92 -9.59
N TRP D 108 -2.23 -3.80 -10.25
CA TRP D 108 -0.99 -3.07 -10.06
C TRP D 108 -1.29 -1.59 -9.90
N ARG D 109 -0.58 -0.95 -8.97
CA ARG D 109 -0.75 0.47 -8.71
C ARG D 109 0.05 1.34 -9.66
N THR D 110 -0.07 1.11 -10.97
CA THR D 110 0.68 1.84 -11.96
C THR D 110 -0.27 2.54 -12.93
N CYS D 111 0.19 3.64 -13.51
CA CYS D 111 -0.58 4.43 -14.44
C CYS D 111 -0.12 4.13 -15.85
N GLU D 112 -1.04 3.66 -16.69
CA GLU D 112 -0.82 3.47 -18.11
C GLU D 112 -1.86 4.23 -18.90
N GLU D 113 -1.49 4.63 -20.12
CA GLU D 113 -2.35 5.50 -20.92
C GLU D 113 -2.55 5.02 -22.34
N ASN D 114 -2.04 3.86 -22.71
CA ASN D 114 -2.13 3.39 -24.09
C ASN D 114 -2.04 1.87 -24.12
N VAL D 115 -2.45 1.32 -25.27
CA VAL D 115 -2.45 -0.13 -25.46
C VAL D 115 -1.05 -0.71 -25.25
N PHE D 116 -0.01 -0.01 -25.68
CA PHE D 116 1.34 -0.54 -25.59
C PHE D 116 1.91 -0.47 -24.18
N GLY D 117 1.42 0.46 -23.35
CA GLY D 117 1.67 0.38 -21.94
C GLY D 117 1.04 -0.84 -21.28
N LEU D 118 -0.19 -1.17 -21.66
CA LEU D 118 -0.83 -2.38 -21.15
C LEU D 118 -0.07 -3.64 -21.56
N TYR D 119 0.40 -3.70 -22.81
CA TYR D 119 1.22 -4.84 -23.21
C TYR D 119 2.50 -4.92 -22.39
N HIS D 120 3.11 -3.77 -22.08
CA HIS D 120 4.29 -3.78 -21.23
C HIS D 120 4.00 -4.32 -19.83
N VAL D 121 2.79 -4.06 -19.32
CA VAL D 121 2.39 -4.66 -18.04
C VAL D 121 2.26 -6.18 -18.18
N PHE D 122 1.60 -6.62 -19.25
CA PHE D 122 1.50 -8.04 -19.55
C PHE D 122 2.88 -8.68 -19.70
N GLU D 123 3.75 -8.06 -20.49
CA GLU D 123 5.10 -8.58 -20.70
C GLU D 123 5.93 -8.61 -19.42
N THR D 124 5.77 -7.59 -18.57
CA THR D 124 6.51 -7.55 -17.32
C THR D 124 6.07 -8.64 -16.34
N HIS D 125 4.78 -8.96 -16.29
CA HIS D 125 4.31 -10.00 -15.40
C HIS D 125 4.81 -11.38 -15.84
N TYR D 126 4.67 -11.71 -17.12
CA TYR D 126 5.23 -12.94 -17.68
C TYR D 126 6.72 -12.79 -18.02
N ALA D 127 7.46 -12.38 -17.00
CA ALA D 127 8.82 -11.86 -17.15
C ALA D 127 9.74 -12.81 -17.91
N GLY D 128 10.36 -12.29 -18.96
CA GLY D 128 11.23 -13.04 -19.86
C GLY D 128 10.53 -13.73 -21.01
N TYR D 129 9.20 -13.72 -21.06
CA TYR D 129 8.44 -14.18 -22.21
C TYR D 129 7.82 -13.01 -22.97
N PHE D 130 7.39 -13.29 -24.20
CA PHE D 130 6.58 -12.39 -25.01
C PHE D 130 7.28 -11.06 -25.35
N SER D 131 8.60 -11.03 -25.34
CA SER D 131 9.32 -9.80 -25.62
C SER D 131 9.45 -9.51 -27.12
N ASP D 132 8.97 -10.40 -27.98
CA ASP D 132 8.82 -10.13 -29.41
C ASP D 132 7.36 -10.12 -29.80
N LEU D 133 6.99 -9.24 -30.74
CA LEU D 133 5.68 -9.26 -31.36
C LEU D 133 5.81 -9.28 -32.87
N LEU D 134 5.00 -10.12 -33.52
CA LEU D 134 4.78 -10.06 -34.95
C LEU D 134 3.48 -9.30 -35.17
N ILE D 135 3.59 -8.11 -35.77
CA ILE D 135 2.43 -7.25 -36.09
C ILE D 135 1.94 -7.59 -37.49
N HIS D 136 0.63 -7.48 -37.69
CA HIS D 136 0.01 -7.71 -38.98
C HIS D 136 -0.74 -6.46 -39.43
N ASP D 137 -0.85 -6.29 -40.75
CA ASP D 137 -1.36 -5.05 -41.32
C ASP D 137 -2.85 -5.15 -41.61
S SO4 E . 1.65 -34.43 -3.43
O1 SO4 E . 2.61 -33.56 -2.76
O2 SO4 E . 1.48 -34.01 -4.80
O3 SO4 E . 0.36 -34.36 -2.73
O4 SO4 E . 2.14 -35.81 -3.40
S SO4 F . 0.29 -29.60 -9.96
O1 SO4 F . -0.92 -29.74 -10.77
O2 SO4 F . 0.80 -28.23 -10.06
O3 SO4 F . -0.01 -29.90 -8.57
O4 SO4 F . 1.30 -30.54 -10.45
S SO4 G . -11.73 -9.40 -0.09
O1 SO4 G . -12.81 -10.17 -0.70
O2 SO4 G . -11.03 -8.64 -1.11
O3 SO4 G . -12.29 -8.48 0.90
O4 SO4 G . -10.80 -10.31 0.58
S SO4 H . -4.88 13.41 3.01
O1 SO4 H . -5.89 13.48 1.97
O2 SO4 H . -3.60 13.90 2.50
O3 SO4 H . -5.28 14.22 4.15
O4 SO4 H . -4.73 12.02 3.43
S SO4 I . 1.74 -2.06 -3.18
O1 SO4 I . 0.30 -1.82 -3.23
O2 SO4 I . 2.45 -0.81 -3.38
O3 SO4 I . 2.09 -2.63 -1.89
O4 SO4 I . 2.10 -3.00 -4.25
S SO4 J . 0.09 26.64 18.42
O1 SO4 J . -0.91 27.69 18.25
O2 SO4 J . 1.38 27.11 17.93
O3 SO4 J . 0.20 26.28 19.83
O4 SO4 J . -0.32 25.46 17.65
S SO4 K . -1.71 25.96 26.56
O1 SO4 K . -0.63 25.85 25.59
O2 SO4 K . -2.01 27.37 26.82
O3 SO4 K . -1.31 25.32 27.81
O4 SO4 K . -2.90 25.30 26.04
S SO4 L . -17.77 -20.68 -24.15
O1 SO4 L . -17.30 -21.06 -25.48
O2 SO4 L . -17.81 -19.22 -24.03
O3 SO4 L . -16.87 -21.23 -23.14
O4 SO4 L . -19.11 -21.21 -23.93
S SO4 M . -16.02 -22.80 -16.57
O1 SO4 M . -17.47 -22.89 -16.42
O2 SO4 M . -15.69 -22.53 -17.97
O3 SO4 M . -15.52 -21.70 -15.74
O4 SO4 M . -15.40 -24.04 -16.15
#